data_9D9H
#
_entry.id   9D9H
#
_cell.length_a   67.348
_cell.length_b   89.841
_cell.length_c   97.315
_cell.angle_alpha   90
_cell.angle_beta   90
_cell.angle_gamma   90
#
_symmetry.space_group_name_H-M   'I 2 2 2'
#
loop_
_entity.id
_entity.type
_entity.pdbx_description
1 polymer 'Heat shock protein HSP 90-beta'
2 non-polymer (1P)-3-amino-6-[({1-[(2S)-2-(2,4-difluorophenyl)-2-hydroxy-3-(1H-1,2,4-triazol-1-yl)propyl]piperidin-4-yl}amino)methyl]-1-(4-phenyl-3,4-dihydro-2H-1,4-benzoxazin-6-yl)thieno[2,3-b]pyrazin-2(1H)-one
3 non-polymer 'CHLORIDE ION'
4 water water
#
_entity_poly.entity_id   1
_entity_poly.type   'polypeptide(L)'
_entity_poly.pdbx_seq_one_letter_code
;GMPEEVHHGEEEVETFAFQAEIAQLMSLIINTFYSNKEIFLRELISNASDALDKIRYESLTDPSKLDSGKELKIDIIPNP
QERTLTLVDTGIGMTKADLINNLGTIAKSGTKAFMEALQAGADISMIGQFGVGFYSAYLVAEKVVVITKHNDDEQYAWES
SAGGSFTVRADHGEPIGRGTKVILHLKEDQTEYLEERRVKEVVKKHSQFIGYPITLYLEKEREK
;
_entity_poly.pdbx_strand_id   A
#
loop_
_chem_comp.id
_chem_comp.type
_chem_comp.name
_chem_comp.formula
A1A26 non-polymer (1P)-3-amino-6-[({1-[(2S)-2-(2,4-difluorophenyl)-2-hydroxy-3-(1H-1,2,4-triazol-1-yl)propyl]piperidin-4-yl}amino)methyl]-1-(4-phenyl-3,4-dihydro-2H-1,4-benzoxazin-6-yl)thieno[2,3-b]pyrazin-2(1H)-one 'C37 H37 F2 N9 O3 S'
CL non-polymer 'CHLORIDE ION' 'Cl -1'
#
# COMPACT_ATOMS: atom_id res chain seq x y z
N GLU A 11 19.89 4.88 -9.46
CA GLU A 11 21.00 5.25 -8.53
C GLU A 11 21.50 3.98 -7.83
N GLU A 12 22.06 4.14 -6.62
CA GLU A 12 22.57 3.00 -5.87
C GLU A 12 21.45 2.38 -5.03
N VAL A 13 21.25 1.07 -5.23
CA VAL A 13 20.19 0.31 -4.59
C VAL A 13 20.68 -0.21 -3.24
N GLU A 14 19.91 0.01 -2.17
CA GLU A 14 20.22 -0.53 -0.85
C GLU A 14 19.22 -1.63 -0.51
N THR A 15 19.75 -2.78 -0.06
CA THR A 15 18.93 -3.93 0.26
C THR A 15 18.92 -4.11 1.76
N PHE A 16 17.74 -4.48 2.27
CA PHE A 16 17.52 -4.62 3.70
C PHE A 16 16.68 -5.86 3.97
N ALA A 17 16.87 -6.46 5.13
CA ALA A 17 16.01 -7.53 5.62
C ALA A 17 14.82 -6.96 6.36
N PHE A 18 13.63 -7.45 6.07
CA PHE A 18 12.50 -7.15 6.95
C PHE A 18 12.79 -7.67 8.35
N GLN A 19 12.20 -7.07 9.38
N GLN A 19 12.15 -7.07 9.35
CA GLN A 19 12.30 -7.68 10.69
CA GLN A 19 12.08 -7.63 10.69
C GLN A 19 11.61 -9.04 10.64
C GLN A 19 11.61 -9.07 10.58
N ALA A 20 12.09 -9.95 11.48
CA ALA A 20 11.74 -11.36 11.43
C ALA A 20 10.23 -11.54 11.46
N GLU A 21 9.55 -10.75 12.29
CA GLU A 21 8.12 -10.93 12.47
C GLU A 21 7.38 -10.55 11.19
N ILE A 22 7.86 -9.51 10.51
CA ILE A 22 7.23 -9.00 9.28
C ILE A 22 7.44 -9.99 8.15
N ALA A 23 8.65 -10.53 7.99
CA ALA A 23 8.93 -11.57 7.01
C ALA A 23 7.99 -12.75 7.24
N GLN A 24 7.80 -13.11 8.50
CA GLN A 24 6.97 -14.26 8.82
C GLN A 24 5.50 -13.97 8.43
N LEU A 25 5.04 -12.76 8.70
CA LEU A 25 3.67 -12.42 8.31
C LEU A 25 3.51 -12.46 6.79
N MET A 26 4.51 -11.92 6.08
CA MET A 26 4.49 -11.95 4.62
C MET A 26 4.43 -13.37 4.09
N SER A 27 5.23 -14.28 4.67
CA SER A 27 5.18 -15.66 4.25
C SER A 27 3.80 -16.24 4.48
N LEU A 28 3.22 -15.95 5.64
CA LEU A 28 1.89 -16.46 5.95
C LEU A 28 0.88 -15.98 4.90
N ILE A 29 0.99 -14.72 4.52
CA ILE A 29 0.05 -14.14 3.59
C ILE A 29 0.17 -14.79 2.22
N ILE A 30 1.43 -15.03 1.83
CA ILE A 30 1.74 -15.68 0.56
C ILE A 30 1.37 -17.17 0.58
N ASN A 31 1.59 -17.88 1.69
CA ASN A 31 1.47 -19.33 1.66
C ASN A 31 0.13 -19.89 2.17
N THR A 32 -0.66 -19.12 2.94
CA THR A 32 -1.89 -19.65 3.51
C THR A 32 -2.97 -19.71 2.44
N PHE A 33 -3.74 -20.81 2.43
CA PHE A 33 -4.94 -20.90 1.60
C PHE A 33 -6.02 -20.00 2.18
N TYR A 34 -6.43 -19.01 1.38
N TYR A 34 -6.45 -19.01 1.37
CA TYR A 34 -7.33 -17.96 1.85
CA TYR A 34 -7.36 -17.99 1.85
C TYR A 34 -7.96 -17.30 0.62
C TYR A 34 -7.97 -17.27 0.64
N SER A 35 -9.23 -17.61 0.33
CA SER A 35 -9.85 -17.21 -0.94
C SER A 35 -10.27 -15.76 -0.98
N ASN A 36 -10.48 -15.15 0.17
CA ASN A 36 -11.03 -13.79 0.25
C ASN A 36 -9.96 -12.71 0.00
N LYS A 37 -9.33 -12.74 -1.19
CA LYS A 37 -8.12 -11.94 -1.42
C LYS A 37 -8.46 -10.46 -1.59
N GLU A 38 -9.70 -10.14 -1.96
CA GLU A 38 -10.04 -8.78 -2.35
C GLU A 38 -9.85 -7.75 -1.24
N ILE A 39 -9.72 -8.22 0.01
CA ILE A 39 -9.54 -7.32 1.14
C ILE A 39 -8.32 -6.41 0.93
N PHE A 40 -7.35 -6.81 0.09
CA PHE A 40 -6.15 -6.00 -0.07
C PHE A 40 -6.53 -4.55 -0.42
N LEU A 41 -7.58 -4.37 -1.22
CA LEU A 41 -7.83 -3.07 -1.80
C LEU A 41 -8.39 -2.10 -0.75
N ARG A 42 -9.28 -2.58 0.11
CA ARG A 42 -9.74 -1.83 1.27
C ARG A 42 -8.55 -1.39 2.13
N GLU A 43 -7.59 -2.29 2.38
CA GLU A 43 -6.46 -1.98 3.27
C GLU A 43 -5.59 -0.88 2.68
N LEU A 44 -5.34 -0.94 1.36
CA LEU A 44 -4.48 0.04 0.71
C LEU A 44 -5.20 1.38 0.60
N ILE A 45 -6.51 1.37 0.37
CA ILE A 45 -7.30 2.60 0.34
C ILE A 45 -7.28 3.27 1.72
N SER A 46 -7.43 2.46 2.76
N SER A 46 -7.39 2.48 2.80
CA SER A 46 -7.39 2.94 4.12
CA SER A 46 -7.38 3.04 4.14
C SER A 46 -6.06 3.67 4.39
C SER A 46 -6.03 3.71 4.43
N ASN A 47 -4.93 3.06 4.02
CA ASN A 47 -3.62 3.65 4.19
C ASN A 47 -3.49 4.96 3.42
N ALA A 48 -4.06 5.00 2.22
CA ALA A 48 -3.98 6.19 1.38
C ALA A 48 -4.78 7.31 2.05
N SER A 49 -5.96 6.93 2.55
CA SER A 49 -6.84 7.87 3.22
C SER A 49 -6.17 8.45 4.46
N ASP A 50 -5.51 7.58 5.24
CA ASP A 50 -4.79 8.05 6.42
C ASP A 50 -3.72 9.07 6.03
N ALA A 51 -3.03 8.82 4.92
CA ALA A 51 -1.94 9.70 4.51
C ALA A 51 -2.45 11.06 4.05
N LEU A 52 -3.63 11.07 3.47
CA LEU A 52 -4.28 12.33 3.10
C LEU A 52 -4.76 13.12 4.31
N ASP A 53 -5.36 12.43 5.29
CA ASP A 53 -5.71 13.05 6.56
C ASP A 53 -4.48 13.72 7.16
N LYS A 54 -3.32 13.07 7.11
CA LYS A 54 -2.15 13.61 7.78
C LYS A 54 -1.70 14.91 7.13
N ILE A 55 -1.62 14.97 5.79
CA ILE A 55 -1.23 16.20 5.12
C ILE A 55 -2.29 17.28 5.33
N ARG A 56 -3.58 16.88 5.30
CA ARG A 56 -4.64 17.86 5.52
C ARG A 56 -4.51 18.48 6.91
N TYR A 57 -4.28 17.63 7.92
CA TYR A 57 -4.17 18.15 9.28
C TYR A 57 -2.95 19.08 9.39
N GLU A 58 -1.78 18.62 8.92
CA GLU A 58 -0.57 19.41 9.03
C GLU A 58 -0.72 20.76 8.31
N SER A 59 -1.45 20.74 7.20
CA SER A 59 -1.64 21.95 6.38
C SER A 59 -2.41 23.02 7.14
N LEU A 60 -3.12 22.63 8.20
CA LEU A 60 -3.87 23.60 8.97
C LEU A 60 -2.94 24.50 9.79
N THR A 61 -1.77 24.02 10.18
CA THR A 61 -0.83 24.88 10.90
C THR A 61 0.30 25.34 10.00
N ASP A 62 0.51 24.69 8.84
CA ASP A 62 1.52 25.15 7.90
C ASP A 62 1.00 24.97 6.48
N PRO A 63 0.26 25.95 5.95
CA PRO A 63 -0.34 25.85 4.63
C PRO A 63 0.64 25.62 3.47
N SER A 64 1.89 26.04 3.64
CA SER A 64 2.91 25.87 2.62
C SER A 64 3.18 24.38 2.36
N LYS A 65 2.69 23.51 3.27
CA LYS A 65 2.86 22.09 3.07
C LYS A 65 2.10 21.61 1.83
N LEU A 66 1.11 22.40 1.38
CA LEU A 66 0.39 22.08 0.16
C LEU A 66 0.98 22.74 -1.10
N ASP A 67 2.13 23.39 -1.01
CA ASP A 67 2.78 23.94 -2.21
C ASP A 67 3.18 22.84 -3.20
N SER A 68 3.41 21.63 -2.69
CA SER A 68 3.79 20.49 -3.51
C SER A 68 2.55 19.84 -4.14
N GLY A 69 1.34 20.38 -3.91
CA GLY A 69 0.14 19.89 -4.56
C GLY A 69 -1.09 19.99 -3.65
N LYS A 70 -2.09 20.75 -4.14
CA LYS A 70 -3.26 21.12 -3.37
C LYS A 70 -4.33 20.03 -3.35
N GLU A 71 -4.46 19.29 -4.44
N GLU A 71 -4.43 19.24 -4.41
CA GLU A 71 -5.51 18.29 -4.55
CA GLU A 71 -5.54 18.32 -4.53
C GLU A 71 -5.20 17.12 -3.62
C GLU A 71 -5.26 17.05 -3.74
N LEU A 72 -6.22 16.69 -2.89
CA LEU A 72 -6.14 15.52 -2.04
C LEU A 72 -7.05 14.45 -2.62
N LYS A 73 -6.45 13.35 -3.12
CA LYS A 73 -7.22 12.40 -3.91
C LYS A 73 -6.57 11.02 -3.92
N ILE A 74 -7.35 10.01 -4.35
CA ILE A 74 -6.90 8.65 -4.55
C ILE A 74 -7.30 8.19 -5.95
N ASP A 75 -6.32 7.70 -6.72
CA ASP A 75 -6.55 7.20 -8.07
C ASP A 75 -6.19 5.73 -8.07
N ILE A 76 -7.04 4.92 -8.72
CA ILE A 76 -6.81 3.49 -8.90
C ILE A 76 -6.72 3.20 -10.39
N ILE A 77 -5.55 2.73 -10.82
CA ILE A 77 -5.22 2.66 -12.22
C ILE A 77 -4.78 1.23 -12.59
N PRO A 78 -5.64 0.49 -13.35
CA PRO A 78 -5.27 -0.81 -13.86
C PRO A 78 -4.51 -0.66 -15.17
N ASN A 79 -3.50 -1.51 -15.36
CA ASN A 79 -2.73 -1.52 -16.59
C ASN A 79 -2.53 -2.98 -17.03
N PRO A 80 -3.46 -3.54 -17.85
CA PRO A 80 -3.37 -4.94 -18.30
C PRO A 80 -2.06 -5.29 -19.00
N GLN A 81 -1.49 -4.37 -19.78
CA GLN A 81 -0.30 -4.68 -20.55
C GLN A 81 0.86 -4.93 -19.60
N GLU A 82 0.93 -4.17 -18.51
CA GLU A 82 1.99 -4.33 -17.53
C GLU A 82 1.58 -5.31 -16.42
N ARG A 83 0.26 -5.55 -16.35
CA ARG A 83 -0.29 -6.43 -15.32
C ARG A 83 -0.06 -5.81 -13.94
N THR A 84 -0.37 -4.52 -13.87
CA THR A 84 -0.25 -3.74 -12.66
C THR A 84 -1.59 -3.08 -12.35
N LEU A 85 -1.84 -3.01 -11.03
CA LEU A 85 -2.84 -2.16 -10.41
C LEU A 85 -2.12 -1.21 -9.48
N THR A 86 -2.32 0.08 -9.75
CA THR A 86 -1.64 1.15 -9.04
C THR A 86 -2.63 1.95 -8.22
N LEU A 87 -2.26 2.20 -6.97
N LEU A 87 -2.33 2.15 -6.93
CA LEU A 87 -3.02 3.06 -6.08
CA LEU A 87 -3.06 3.09 -6.10
C LEU A 87 -2.17 4.29 -5.77
C LEU A 87 -2.15 4.28 -5.82
N VAL A 88 -2.61 5.44 -6.28
CA VAL A 88 -1.90 6.69 -6.12
C VAL A 88 -2.66 7.56 -5.15
N ASP A 89 -1.94 8.08 -4.13
CA ASP A 89 -2.51 9.10 -3.27
C ASP A 89 -1.64 10.34 -3.33
N THR A 90 -2.25 11.49 -3.01
CA THR A 90 -1.48 12.72 -2.84
C THR A 90 -1.37 13.06 -1.36
N GLY A 91 -1.16 12.03 -0.53
CA GLY A 91 -1.04 12.23 0.91
C GLY A 91 0.37 12.69 1.30
N ILE A 92 0.71 12.45 2.57
CA ILE A 92 1.88 13.05 3.19
C ILE A 92 3.16 12.47 2.61
N GLY A 93 3.11 11.22 2.18
CA GLY A 93 4.30 10.55 1.70
C GLY A 93 5.17 10.05 2.84
N MET A 94 6.19 9.29 2.44
CA MET A 94 7.09 8.62 3.35
C MET A 94 8.51 9.13 3.18
N THR A 95 9.15 9.39 4.31
CA THR A 95 10.57 9.71 4.33
C THR A 95 11.38 8.43 4.12
N LYS A 96 12.68 8.59 3.87
CA LYS A 96 13.60 7.46 3.82
C LYS A 96 13.54 6.64 5.12
N ALA A 97 13.56 7.33 6.26
CA ALA A 97 13.53 6.67 7.56
C ALA A 97 12.23 5.90 7.74
N ASP A 98 11.11 6.44 7.25
CA ASP A 98 9.88 5.69 7.34
C ASP A 98 10.02 4.36 6.59
N LEU A 99 10.54 4.44 5.37
CA LEU A 99 10.63 3.32 4.45
C LEU A 99 11.50 2.23 5.02
N ILE A 100 12.64 2.65 5.53
CA ILE A 100 13.67 1.68 5.85
C ILE A 100 13.44 1.12 7.25
N ASN A 101 12.98 1.94 8.20
CA ASN A 101 13.03 1.51 9.59
C ASN A 101 11.74 1.72 10.39
N ASN A 102 11.21 2.94 10.35
CA ASN A 102 10.29 3.38 11.38
C ASN A 102 8.93 2.71 11.25
N LEU A 103 8.44 2.55 10.02
CA LEU A 103 7.12 1.97 9.83
C LEU A 103 7.16 0.48 10.20
N GLY A 104 8.25 -0.19 9.81
CA GLY A 104 8.39 -1.59 10.15
C GLY A 104 8.55 -1.76 11.67
N THR A 105 9.27 -0.83 12.30
CA THR A 105 9.42 -0.85 13.75
C THR A 105 8.06 -0.78 14.44
N ILE A 106 7.16 0.09 13.99
CA ILE A 106 5.86 0.19 14.64
C ILE A 106 4.98 -1.00 14.29
N ALA A 107 5.14 -1.55 13.08
CA ALA A 107 4.33 -2.68 12.65
C ALA A 107 4.65 -3.96 13.41
N LYS A 108 5.79 -4.01 14.12
CA LYS A 108 6.24 -5.19 14.85
C LYS A 108 5.17 -5.65 15.84
N SER A 109 4.66 -4.74 16.65
CA SER A 109 3.76 -5.11 17.72
C SER A 109 2.40 -5.50 17.17
N GLY A 110 1.94 -4.76 16.15
CA GLY A 110 0.70 -5.16 15.50
C GLY A 110 0.83 -6.53 14.84
N THR A 111 1.97 -6.82 14.21
CA THR A 111 2.20 -8.09 13.54
C THR A 111 2.11 -9.23 14.56
N LYS A 112 2.76 -9.05 15.72
CA LYS A 112 2.79 -10.11 16.74
C LYS A 112 1.36 -10.40 17.22
N ALA A 113 0.57 -9.36 17.51
CA ALA A 113 -0.81 -9.54 17.98
C ALA A 113 -1.67 -10.20 16.90
N PHE A 114 -1.47 -9.80 15.64
CA PHE A 114 -2.27 -10.36 14.57
C PHE A 114 -2.01 -11.86 14.42
N MET A 115 -0.73 -12.22 14.45
N MET A 115 -0.73 -12.25 14.48
CA MET A 115 -0.31 -13.61 14.31
CA MET A 115 -0.35 -13.63 14.28
C MET A 115 -0.91 -14.44 15.45
C MET A 115 -0.81 -14.49 15.46
N GLU A 116 -0.87 -13.88 16.65
CA GLU A 116 -1.45 -14.53 17.83
C GLU A 116 -2.94 -14.70 17.58
N ALA A 117 -3.62 -13.67 17.08
CA ALA A 117 -5.05 -13.78 16.81
C ALA A 117 -5.31 -14.87 15.79
N LEU A 118 -4.46 -14.94 14.76
CA LEU A 118 -4.62 -15.97 13.76
C LEU A 118 -4.50 -17.37 14.38
N GLN A 119 -3.55 -17.56 15.30
CA GLN A 119 -3.34 -18.87 15.90
C GLN A 119 -4.54 -19.19 16.78
N ALA A 120 -5.16 -18.17 17.38
CA ALA A 120 -6.37 -18.32 18.18
C ALA A 120 -7.65 -18.26 17.33
N GLY A 121 -7.54 -18.39 16.00
CA GLY A 121 -8.70 -18.64 15.16
C GLY A 121 -9.24 -17.40 14.42
N ALA A 122 -8.53 -16.25 14.44
CA ALA A 122 -9.01 -15.07 13.73
C ALA A 122 -8.84 -15.28 12.24
N ASP A 123 -9.50 -14.46 11.42
N ASP A 123 -9.46 -14.37 11.46
CA ASP A 123 -9.33 -14.61 9.98
CA ASP A 123 -9.48 -14.42 10.01
C ASP A 123 -8.45 -13.47 9.47
C ASP A 123 -8.46 -13.42 9.46
N ILE A 124 -7.81 -13.72 8.32
CA ILE A 124 -6.88 -12.80 7.69
C ILE A 124 -7.55 -11.44 7.39
N SER A 125 -8.88 -11.36 7.23
CA SER A 125 -9.54 -10.08 6.94
C SER A 125 -9.46 -9.06 8.10
N MET A 126 -9.07 -9.52 9.28
N MET A 126 -9.04 -9.54 9.27
CA MET A 126 -8.93 -8.63 10.43
CA MET A 126 -8.89 -8.71 10.46
C MET A 126 -7.55 -7.95 10.47
C MET A 126 -7.58 -7.89 10.42
N ILE A 127 -6.71 -8.18 9.45
CA ILE A 127 -5.36 -7.62 9.40
C ILE A 127 -5.38 -6.12 9.64
N GLY A 128 -6.37 -5.43 9.09
CA GLY A 128 -6.43 -3.98 9.22
C GLY A 128 -6.57 -3.54 10.68
N GLN A 129 -7.30 -4.31 11.46
CA GLN A 129 -7.55 -3.94 12.84
C GLN A 129 -6.26 -3.97 13.64
N PHE A 130 -5.16 -4.48 13.06
CA PHE A 130 -3.88 -4.59 13.74
C PHE A 130 -2.88 -3.64 13.14
N GLY A 131 -3.32 -2.85 12.17
CA GLY A 131 -2.49 -1.79 11.63
C GLY A 131 -1.47 -2.27 10.60
N VAL A 132 -1.58 -3.52 10.11
CA VAL A 132 -0.56 -4.02 9.22
C VAL A 132 -1.19 -4.48 7.89
N GLY A 133 -2.28 -3.79 7.49
CA GLY A 133 -3.00 -4.13 6.28
C GLY A 133 -2.16 -4.01 5.01
N PHE A 134 -1.11 -3.17 5.01
CA PHE A 134 -0.28 -2.96 3.83
C PHE A 134 0.15 -4.32 3.29
N TYR A 135 0.52 -5.25 4.20
CA TYR A 135 1.12 -6.50 3.77
C TYR A 135 0.12 -7.42 3.07
N SER A 136 -1.18 -7.11 3.15
CA SER A 136 -2.19 -7.88 2.41
C SER A 136 -2.05 -7.71 0.91
N ALA A 137 -1.22 -6.74 0.48
CA ALA A 137 -0.92 -6.57 -0.94
C ALA A 137 -0.41 -7.89 -1.53
N TYR A 138 0.26 -8.69 -0.68
CA TYR A 138 0.88 -9.90 -1.17
C TYR A 138 -0.13 -11.05 -1.33
N LEU A 139 -1.40 -10.83 -1.00
CA LEU A 139 -2.43 -11.77 -1.40
C LEU A 139 -2.54 -11.82 -2.91
N VAL A 140 -2.28 -10.69 -3.59
CA VAL A 140 -2.53 -10.61 -5.02
C VAL A 140 -1.28 -10.27 -5.84
N ALA A 141 -0.27 -9.67 -5.21
CA ALA A 141 0.90 -9.17 -5.93
C ALA A 141 2.07 -10.12 -5.71
N GLU A 142 2.83 -10.40 -6.79
CA GLU A 142 4.11 -11.11 -6.66
C GLU A 142 5.24 -10.12 -6.33
N LYS A 143 4.99 -8.85 -6.63
CA LYS A 143 5.96 -7.80 -6.41
C LYS A 143 5.21 -6.50 -6.20
N VAL A 144 5.68 -5.71 -5.22
CA VAL A 144 5.12 -4.39 -4.96
C VAL A 144 6.24 -3.37 -5.09
N VAL A 145 5.99 -2.33 -5.88
CA VAL A 145 6.87 -1.19 -6.00
C VAL A 145 6.12 0.02 -5.42
N VAL A 146 6.82 0.76 -4.60
CA VAL A 146 6.19 1.90 -3.95
C VAL A 146 7.06 3.10 -4.28
N ILE A 147 6.45 4.12 -4.91
CA ILE A 147 7.12 5.38 -5.19
C ILE A 147 6.55 6.40 -4.23
N THR A 148 7.39 7.15 -3.53
CA THR A 148 6.88 7.99 -2.48
C THR A 148 7.72 9.25 -2.36
N LYS A 149 7.05 10.33 -1.99
CA LYS A 149 7.66 11.67 -1.87
C LYS A 149 7.00 12.42 -0.72
N HIS A 150 7.80 12.70 0.30
CA HIS A 150 7.44 13.55 1.41
C HIS A 150 8.06 14.94 1.21
N ASN A 151 7.38 15.98 1.66
CA ASN A 151 7.95 17.33 1.60
C ASN A 151 9.31 17.33 2.30
N ASP A 152 10.27 18.04 1.72
CA ASP A 152 11.61 18.18 2.33
C ASP A 152 12.38 16.87 2.39
N ASP A 153 11.95 15.83 1.66
CA ASP A 153 12.76 14.67 1.41
C ASP A 153 12.70 14.44 -0.08
N GLU A 154 13.48 13.50 -0.59
CA GLU A 154 13.47 13.24 -2.01
C GLU A 154 12.58 12.05 -2.31
N GLN A 155 12.30 11.88 -3.61
CA GLN A 155 11.45 10.83 -4.10
C GLN A 155 12.22 9.51 -4.02
N TYR A 156 11.60 8.47 -3.46
CA TYR A 156 12.22 7.17 -3.32
C TYR A 156 11.36 6.09 -3.96
N ALA A 157 12.04 5.05 -4.41
CA ALA A 157 11.41 3.80 -4.83
C ALA A 157 11.79 2.68 -3.87
N TRP A 158 10.75 2.06 -3.30
CA TRP A 158 10.86 0.86 -2.49
C TRP A 158 10.30 -0.30 -3.30
N GLU A 159 10.90 -1.48 -3.15
N GLU A 159 10.95 -1.47 -3.19
CA GLU A 159 10.39 -2.64 -3.87
CA GLU A 159 10.60 -2.68 -3.93
C GLU A 159 10.65 -3.91 -3.07
C GLU A 159 10.62 -3.87 -2.98
N SER A 160 9.69 -4.83 -3.13
CA SER A 160 9.84 -6.12 -2.49
C SER A 160 9.01 -7.17 -3.25
N SER A 161 9.67 -8.30 -3.52
CA SER A 161 8.98 -9.51 -3.95
C SER A 161 8.92 -10.51 -2.79
N ALA A 162 8.90 -10.01 -1.54
CA ALA A 162 8.97 -10.83 -0.34
C ALA A 162 10.30 -11.58 -0.33
N GLY A 163 10.31 -12.80 0.19
CA GLY A 163 11.56 -13.53 0.33
C GLY A 163 12.48 -12.93 1.41
N GLY A 164 11.91 -12.06 2.28
CA GLY A 164 12.58 -11.57 3.47
C GLY A 164 13.31 -10.26 3.27
N SER A 165 13.24 -9.65 2.09
CA SER A 165 14.02 -8.40 1.85
C SER A 165 13.28 -7.42 0.94
N PHE A 166 13.72 -6.18 1.01
CA PHE A 166 13.21 -5.10 0.21
C PHE A 166 14.38 -4.22 -0.16
N THR A 167 14.23 -3.41 -1.21
CA THR A 167 15.23 -2.42 -1.56
C THR A 167 14.62 -1.03 -1.46
N VAL A 168 15.52 -0.07 -1.21
CA VAL A 168 15.23 1.34 -1.32
C VAL A 168 16.30 2.02 -2.19
N ARG A 169 15.84 2.89 -3.11
CA ARG A 169 16.74 3.71 -3.90
C ARG A 169 16.13 5.10 -4.14
N ALA A 170 16.98 6.12 -4.37
CA ALA A 170 16.50 7.38 -4.90
C ALA A 170 15.85 7.13 -6.25
N ASP A 171 14.65 7.67 -6.47
CA ASP A 171 13.94 7.47 -7.71
C ASP A 171 14.20 8.67 -8.64
N HIS A 172 14.57 8.38 -9.88
CA HIS A 172 14.77 9.43 -10.86
C HIS A 172 13.66 9.39 -11.92
N GLY A 173 12.55 8.73 -11.65
CA GLY A 173 11.42 8.71 -12.56
C GLY A 173 10.65 10.02 -12.55
N GLU A 174 9.45 10.00 -13.12
CA GLU A 174 8.60 11.19 -13.12
C GLU A 174 8.33 11.58 -11.67
N PRO A 175 8.48 12.87 -11.34
CA PRO A 175 8.12 13.37 -10.02
C PRO A 175 6.64 13.20 -9.75
N ILE A 176 6.28 12.83 -8.51
CA ILE A 176 4.87 12.71 -8.17
C ILE A 176 4.42 13.95 -7.38
N GLY A 177 5.35 14.84 -7.04
CA GLY A 177 5.08 16.07 -6.28
C GLY A 177 5.02 15.84 -4.77
N ARG A 178 4.11 14.94 -4.36
CA ARG A 178 3.93 14.58 -2.96
C ARG A 178 2.97 13.39 -2.93
N GLY A 179 3.25 12.41 -2.07
CA GLY A 179 2.33 11.32 -1.85
C GLY A 179 2.98 9.97 -2.13
N THR A 180 2.16 8.98 -2.45
CA THR A 180 2.63 7.63 -2.59
C THR A 180 1.88 6.92 -3.74
N LYS A 181 2.64 6.20 -4.57
CA LYS A 181 2.08 5.32 -5.57
C LYS A 181 2.43 3.90 -5.19
N VAL A 182 1.41 3.07 -4.96
CA VAL A 182 1.58 1.66 -4.68
C VAL A 182 1.28 0.88 -5.95
N ILE A 183 2.33 0.26 -6.50
CA ILE A 183 2.22 -0.43 -7.78
C ILE A 183 2.23 -1.94 -7.52
N LEU A 184 1.08 -2.58 -7.76
CA LEU A 184 0.94 -3.99 -7.53
C LEU A 184 1.17 -4.76 -8.82
N HIS A 185 2.27 -5.52 -8.86
CA HIS A 185 2.53 -6.43 -9.98
C HIS A 185 1.78 -7.73 -9.69
N LEU A 186 0.64 -7.93 -10.35
CA LEU A 186 -0.29 -8.97 -9.97
C LEU A 186 0.24 -10.35 -10.34
N LYS A 187 -0.03 -11.33 -9.46
CA LYS A 187 0.15 -12.73 -9.77
C LYS A 187 -0.75 -13.13 -10.93
N GLU A 188 -0.36 -14.17 -11.66
CA GLU A 188 -1.00 -14.51 -12.93
C GLU A 188 -2.50 -14.76 -12.78
N ASP A 189 -2.93 -15.45 -11.72
CA ASP A 189 -4.34 -15.76 -11.57
C ASP A 189 -5.11 -14.67 -10.83
N GLN A 190 -4.53 -13.48 -10.63
CA GLN A 190 -5.24 -12.43 -9.90
C GLN A 190 -5.60 -11.26 -10.81
N THR A 191 -5.68 -11.51 -12.11
CA THR A 191 -5.91 -10.43 -13.07
C THR A 191 -7.36 -9.94 -13.04
N GLU A 192 -8.23 -10.56 -12.25
CA GLU A 192 -9.57 -10.00 -12.08
C GLU A 192 -9.50 -8.58 -11.52
N TYR A 193 -8.44 -8.24 -10.76
CA TYR A 193 -8.37 -6.89 -10.19
C TYR A 193 -7.94 -5.85 -11.21
N LEU A 194 -7.77 -6.23 -12.49
CA LEU A 194 -7.58 -5.27 -13.56
C LEU A 194 -8.89 -4.92 -14.24
N GLU A 195 -10.01 -5.55 -13.87
CA GLU A 195 -11.26 -5.32 -14.60
C GLU A 195 -12.13 -4.30 -13.85
N GLU A 196 -12.89 -3.56 -14.67
N GLU A 196 -12.86 -3.44 -14.59
CA GLU A 196 -13.66 -2.40 -14.27
CA GLU A 196 -13.54 -2.30 -13.98
C GLU A 196 -14.64 -2.75 -13.17
C GLU A 196 -14.68 -2.76 -13.06
N ARG A 197 -15.49 -3.71 -13.52
CA ARG A 197 -16.60 -4.17 -12.71
C ARG A 197 -16.06 -4.71 -11.40
N ARG A 198 -14.96 -5.48 -11.47
CA ARG A 198 -14.41 -6.15 -10.29
C ARG A 198 -13.87 -5.09 -9.32
N VAL A 199 -13.11 -4.11 -9.82
CA VAL A 199 -12.53 -3.13 -8.91
C VAL A 199 -13.63 -2.30 -8.28
N LYS A 200 -14.63 -1.94 -9.09
CA LYS A 200 -15.74 -1.14 -8.60
C LYS A 200 -16.52 -1.89 -7.53
N GLU A 201 -16.74 -3.18 -7.79
CA GLU A 201 -17.49 -4.02 -6.86
C GLU A 201 -16.78 -4.08 -5.49
N VAL A 202 -15.47 -4.25 -5.51
CA VAL A 202 -14.70 -4.33 -4.28
C VAL A 202 -14.66 -2.99 -3.53
N VAL A 203 -14.45 -1.90 -4.27
CA VAL A 203 -14.44 -0.59 -3.66
C VAL A 203 -15.78 -0.25 -3.02
N LYS A 204 -16.88 -0.48 -3.74
CA LYS A 204 -18.21 -0.17 -3.25
C LYS A 204 -18.48 -0.98 -1.99
N LYS A 205 -18.05 -2.24 -2.03
CA LYS A 205 -18.31 -3.20 -0.97
C LYS A 205 -17.69 -2.70 0.32
N HIS A 206 -16.41 -2.32 0.27
CA HIS A 206 -15.59 -2.22 1.47
C HIS A 206 -15.19 -0.78 1.80
N SER A 207 -15.37 0.16 0.89
CA SER A 207 -14.67 1.44 1.03
C SER A 207 -15.64 2.60 0.71
N GLN A 208 -16.88 2.44 1.18
CA GLN A 208 -17.99 3.33 0.86
C GLN A 208 -17.83 4.74 1.44
N PHE A 209 -17.10 4.91 2.57
CA PHE A 209 -17.17 6.13 3.38
C PHE A 209 -15.81 6.81 3.60
N ILE A 210 -15.00 6.86 2.55
CA ILE A 210 -13.69 7.51 2.52
C ILE A 210 -13.87 8.98 2.12
N GLY A 211 -13.19 9.90 2.79
CA GLY A 211 -13.51 11.33 2.64
C GLY A 211 -12.70 12.05 1.56
N TYR A 212 -12.22 11.32 0.55
CA TYR A 212 -11.48 11.94 -0.54
C TYR A 212 -11.99 11.28 -1.81
N PRO A 213 -11.94 11.95 -2.97
CA PRO A 213 -12.44 11.36 -4.20
C PRO A 213 -11.56 10.20 -4.63
N ILE A 214 -12.18 9.05 -4.86
CA ILE A 214 -11.52 7.89 -5.42
C ILE A 214 -11.97 7.75 -6.86
N THR A 215 -11.00 7.87 -7.78
CA THR A 215 -11.27 7.74 -9.20
C THR A 215 -10.76 6.38 -9.67
N LEU A 216 -11.67 5.57 -10.18
CA LEU A 216 -11.35 4.27 -10.74
C LEU A 216 -11.16 4.45 -12.22
N TYR A 217 -9.91 4.37 -12.67
CA TYR A 217 -9.55 4.58 -14.07
C TYR A 217 -9.90 3.31 -14.86
N LEU A 218 -10.16 3.49 -16.17
CA LEU A 218 -10.50 2.40 -17.08
C LEU A 218 -9.32 2.11 -17.99
N GLU A 219 -9.18 0.84 -18.42
CA GLU A 219 -8.32 0.45 -19.54
C GLU A 219 -8.73 1.17 -20.83
N LYS A 220 -7.74 1.62 -21.62
CA LYS A 220 -7.95 2.33 -22.88
C LYS A 220 -8.29 1.39 -24.05
N GLU A 221 -7.80 0.14 -24.00
CA GLU A 221 -8.05 -0.78 -25.11
C GLU A 221 -9.05 -1.85 -24.66
C13 A1A26 B . 3.87 7.97 6.74
C18 A1A26 B . 5.87 0.42 1.95
C17 A1A26 B . 4.85 0.32 3.07
C16 A1A26 B . 5.23 0.44 4.29
C15 A1A26 B . 3.71 -0.62 7.36
C19 A1A26 B . 7.10 0.55 2.24
C20 A1A26 B . 7.55 0.64 3.68
C11 A1A26 B . 0.99 4.16 2.91
C12 A1A26 B . 0.69 5.34 2.14
C1 A1A26 B . 2.83 5.88 5.57
C2 A1A26 B . 3.13 7.23 5.67
C3 A1A26 B . 1.76 6.59 3.57
C4 A1A26 B . 2.11 5.52 4.44
C5 A1A26 B . 1.95 3.16 4.84
C6 A1A26 B . 3.00 2.39 4.62
C7 A1A26 B . 3.20 1.21 5.50
C8 A1A26 B . 2.31 0.94 6.49
C9 A1A26 B . 1.11 1.79 6.72
C10 A1A26 B . 0.93 2.88 5.94
C14 A1A26 B . 4.44 -0.84 6.13
C21 A1A26 B . 6.68 0.56 4.65
C22 A1A26 B . 2.81 7.80 8.89
C23 A1A26 B . 2.32 6.37 8.79
C24 A1A26 B . 2.38 5.81 10.18
C25 A1A26 B . 1.50 7.79 11.10
C26 A1A26 B . 1.86 8.55 9.80
C27 A1A26 B . 1.16 5.66 12.18
C28 A1A26 B . 0.37 4.34 12.11
C29 A1A26 B . 0.13 4.01 13.60
C30 A1A26 B . 1.14 3.14 11.54
C31 A1A26 B . 0.16 1.66 14.55
C32 A1A26 B . -1.87 1.00 14.04
C33 A1A26 B . 2.61 2.95 11.95
C34 A1A26 B . 3.31 1.93 11.53
C35 A1A26 B . 2.63 0.96 10.62
C36 A1A26 B . 1.34 1.07 10.27
C37 A1A26 B . 0.52 2.25 10.77
F1 A1A26 B . 3.24 3.85 12.77
F2 A1A26 B . 3.41 -0.07 10.23
N1 A1A26 B . 1.66 4.28 4.04
N2 A1A26 B . -0.07 5.19 1.00
N3 A1A26 B . 1.07 6.54 2.42
N4 A1A26 B . 4.28 0.30 5.32
N5 A1A26 B . 2.84 8.45 7.59
N6 A1A26 B . 1.27 6.36 10.90
N7 A1A26 B . -0.44 2.69 13.87
N8 A1A26 B . -0.65 0.66 14.62
N9 A1A26 B . -1.78 2.28 13.53
O1 A1A26 B . 0.56 2.95 2.53
O2 A1A26 B . 2.42 -0.21 7.39
O3 A1A26 B . -0.77 4.54 11.28
S1 A1A26 B . 2.43 8.06 4.26
H7 A1A26 B . 4.37 8.70 6.35
H8 A1A26 B . 4.47 7.36 7.21
H14 A1A26 B . 5.60 0.37 1.07
H13 A1A26 B . 3.95 0.23 2.86
H12 A1A26 B . 3.72 -1.46 7.82
H11 A1A26 B . 4.22 0.05 7.85
H15 A1A26 B . 7.74 0.62 1.56
H16 A1A26 B . 8.45 0.74 3.88
H1 A1A26 B . 3.12 5.26 6.19
H2 A1A26 B . 3.59 2.59 3.92
H3 A1A26 B . 0.52 1.60 7.42
H4 A1A26 B . 0.20 3.44 6.06
H10 A1A26 B . 4.08 -1.61 5.67
H9 A1A26 B . 5.37 -0.99 6.34
H17 A1A26 B . 6.95 0.62 5.54
H18 A1A26 B . 3.70 7.80 9.28
H20 A1A26 B . 1.41 6.35 8.45
H19 A1A26 B . 2.90 5.86 8.21
H22 A1A26 B . 2.31 4.84 10.10
H21 A1A26 B . 3.22 6.03 10.60
H23 A1A26 B . 2.22 7.91 11.73
H24 A1A26 B . 0.69 8.19 11.46
H26 A1A26 B . 2.28 9.39 10.05
H25 A1A26 B . 1.04 8.74 9.33
H28 A1A26 B . 2.04 5.51 12.55
H27 A1A26 B . 0.68 6.25 12.80
H30 A1A26 B . 0.97 4.07 14.06
H29 A1A26 B . -0.47 4.67 13.95
H32 A1A26 B . 1.03 1.67 14.88
H33 A1A26 B . -2.62 0.44 13.96
H34 A1A26 B . 4.21 1.83 11.75
H35 A1A26 B . 0.96 0.44 9.72
H36 A1A26 B . -0.38 2.35 10.52
H5 A1A26 B . -0.33 4.41 0.75
H6 A1A26 B . -0.29 5.89 0.55
H39 A1A26 B . 2.97 9.32 7.72
H37 A1A26 B . 2.04 8.35 7.20
H38 A1A26 B . 0.52 6.25 10.44
CL CL C . 5.02 17.91 5.25
CL CL D . 10.73 -4.32 8.54
CL CL E . -13.58 5.79 -14.91
CL CL F . 14.48 10.17 6.47
CL CL G . 1.41 16.54 12.82
#